data_4K83
#
_entry.id   4K83
#
_cell.length_a   36.662
_cell.length_b   52.900
_cell.length_c   102.717
_cell.angle_alpha   90.00
_cell.angle_beta   90.00
_cell.angle_gamma   90.00
#
_symmetry.space_group_name_H-M   'P 21 21 21'
#
loop_
_entity.id
_entity.type
_entity.pdbx_description
1 polymer 'Lv-ranaspumin (Lv-RSN-1)'
2 water water
#
_entity_poly.entity_id   1
_entity_poly.type   'polypeptide(L)'
_entity_poly.pdbx_seq_one_letter_code
;LLEGFLVGGGVPGPGTACLTKALKDSGDLLVELAVIICAYQNGKDLQEQDFKELKELLERTLERAGCALDDIVADLGLEE
LLGSIGVSTGDIIQGLYKLLKELKIDETVFNAVCDVTKKMLDNKCLPKILQGDLVKFLKDLKYKVCIEGGDPELIIKDLK
IILERLPCVLGGVGLDDLFKNIFVKDGILSFEGIAKPLGDLLILVLCPNVKNINVSS
;
_entity_poly.pdbx_strand_id   A
#
# COMPACT_ATOMS: atom_id res chain seq x y z
N GLY A 13 -9.40 -15.15 21.64
CA GLY A 13 -8.07 -15.67 21.92
C GLY A 13 -7.04 -14.56 22.05
N PRO A 14 -5.81 -14.92 22.47
CA PRO A 14 -4.71 -13.96 22.63
C PRO A 14 -4.30 -13.32 21.31
N GLY A 15 -4.50 -14.03 20.20
CA GLY A 15 -4.20 -13.49 18.89
C GLY A 15 -5.02 -12.25 18.62
N THR A 16 -6.35 -12.37 18.77
CA THR A 16 -7.24 -11.24 18.56
C THR A 16 -6.92 -10.07 19.46
N ALA A 17 -6.66 -10.35 20.74
CA ALA A 17 -6.28 -9.30 21.68
C ALA A 17 -4.98 -8.61 21.28
N CYS A 18 -4.00 -9.40 20.83
CA CYS A 18 -2.73 -8.82 20.38
C CYS A 18 -2.97 -7.92 19.16
N LEU A 19 -3.71 -8.44 18.18
CA LEU A 19 -4.05 -7.69 16.98
C LEU A 19 -4.84 -6.42 17.32
N THR A 20 -5.85 -6.60 18.17
CA THR A 20 -6.66 -5.47 18.63
C THR A 20 -5.80 -4.37 19.26
N LYS A 21 -4.84 -4.75 20.10
CA LYS A 21 -3.96 -3.78 20.74
C LYS A 21 -3.03 -3.12 19.73
N ALA A 22 -2.44 -3.93 18.85
CA ALA A 22 -1.50 -3.43 17.84
C ALA A 22 -2.17 -2.42 16.91
N LEU A 23 -3.43 -2.66 16.56
CA LEU A 23 -4.20 -1.77 15.70
C LEU A 23 -4.39 -0.39 16.35
N LYS A 24 -4.74 -0.39 17.63
CA LYS A 24 -4.95 0.87 18.33
C LYS A 24 -3.66 1.63 18.57
N ASP A 25 -2.56 0.91 18.72
CA ASP A 25 -1.27 1.52 19.04
C ASP A 25 -0.61 2.25 17.88
N SER A 26 -1.04 1.95 16.65
CA SER A 26 -0.54 2.63 15.46
C SER A 26 -1.41 2.34 14.25
N GLY A 27 -1.90 3.42 13.61
CA GLY A 27 -2.74 3.29 12.43
C GLY A 27 -2.00 2.70 11.24
N ASP A 28 -0.68 2.70 11.32
CA ASP A 28 0.16 2.11 10.27
C ASP A 28 -0.13 0.65 10.00
N LEU A 29 -0.41 -0.12 11.05
CA LEU A 29 -0.66 -1.54 10.86
C LEU A 29 -1.87 -1.79 9.95
N LEU A 30 -2.96 -1.05 10.16
CA LEU A 30 -4.16 -1.24 9.33
C LEU A 30 -3.83 -1.02 7.87
N VAL A 31 -3.10 0.05 7.61
CA VAL A 31 -2.69 0.35 6.26
C VAL A 31 -1.81 -0.76 5.70
N GLU A 32 -0.84 -1.23 6.48
CA GLU A 32 0.06 -2.27 5.97
C GLU A 32 -0.66 -3.57 5.67
N LEU A 33 -1.62 -3.93 6.52
CA LEU A 33 -2.37 -5.15 6.31
C LEU A 33 -3.29 -5.01 5.08
N ALA A 34 -3.88 -3.85 4.91
CA ALA A 34 -4.73 -3.62 3.73
C ALA A 34 -3.95 -3.82 2.44
N VAL A 35 -2.71 -3.31 2.39
CA VAL A 35 -1.86 -3.52 1.22
C VAL A 35 -1.65 -5.00 0.93
N ILE A 36 -1.35 -5.76 1.98
CA ILE A 36 -1.04 -7.18 1.81
C ILE A 36 -2.26 -7.95 1.35
N ILE A 37 -3.38 -7.70 1.99
CA ILE A 37 -4.63 -8.37 1.64
C ILE A 37 -5.02 -8.02 0.21
N CYS A 38 -4.96 -6.74 -0.11
CA CYS A 38 -5.39 -6.33 -1.44
CA CYS A 38 -5.37 -6.29 -1.43
C CYS A 38 -4.44 -6.77 -2.54
N ALA A 39 -3.14 -6.84 -2.25
CA ALA A 39 -2.17 -7.34 -3.23
C ALA A 39 -2.42 -8.82 -3.50
N TYR A 40 -2.64 -9.60 -2.45
CA TYR A 40 -2.89 -11.03 -2.62
C TYR A 40 -4.15 -11.24 -3.46
N GLN A 41 -5.21 -10.51 -3.13
CA GLN A 41 -6.52 -10.77 -3.70
C GLN A 41 -6.68 -10.20 -5.11
N ASN A 42 -5.82 -9.24 -5.48
CA ASN A 42 -5.99 -8.54 -6.75
C ASN A 42 -4.81 -8.63 -7.73
N GLY A 43 -3.66 -9.09 -7.26
CA GLY A 43 -2.53 -9.34 -8.15
C GLY A 43 -2.92 -10.33 -9.23
N LYS A 44 -2.45 -10.09 -10.45
CA LYS A 44 -2.79 -10.96 -11.58
C LYS A 44 -1.68 -11.95 -11.89
N ASP A 45 -2.07 -13.20 -12.09
CA ASP A 45 -1.15 -14.28 -12.42
C ASP A 45 0.01 -14.37 -11.44
N LEU A 46 -0.31 -14.26 -10.14
CA LEU A 46 0.71 -14.32 -9.10
C LEU A 46 1.44 -15.65 -9.16
N GLN A 47 2.77 -15.59 -9.02
CA GLN A 47 3.60 -16.80 -9.07
C GLN A 47 3.79 -17.33 -7.66
N GLU A 48 4.30 -18.55 -7.52
CA GLU A 48 4.57 -19.06 -6.18
C GLU A 48 5.50 -18.17 -5.37
N GLN A 49 6.53 -17.62 -6.00
CA GLN A 49 7.42 -16.72 -5.28
C GLN A 49 6.65 -15.51 -4.74
N ASP A 50 5.63 -15.07 -5.47
CA ASP A 50 4.79 -13.96 -4.99
C ASP A 50 3.98 -14.37 -3.76
N PHE A 51 3.36 -15.56 -3.81
CA PHE A 51 2.59 -16.06 -2.66
C PHE A 51 3.50 -16.25 -1.45
N LYS A 52 4.69 -16.78 -1.70
CA LYS A 52 5.63 -17.03 -0.63
C LYS A 52 6.05 -15.71 0.01
N GLU A 53 6.35 -14.71 -0.81
CA GLU A 53 6.79 -13.43 -0.25
C GLU A 53 5.66 -12.62 0.42
N LEU A 54 4.44 -12.79 -0.05
CA LEU A 54 3.33 -12.11 0.60
C LEU A 54 3.11 -12.67 1.99
N LYS A 55 3.20 -14.00 2.12
CA LYS A 55 3.08 -14.60 3.45
C LYS A 55 4.22 -14.12 4.36
N GLU A 56 5.44 -14.08 3.82
CA GLU A 56 6.60 -13.59 4.58
C GLU A 56 6.38 -12.18 5.05
N LEU A 57 5.83 -11.35 4.17
CA LEU A 57 5.62 -9.95 4.49
C LEU A 57 4.58 -9.79 5.58
N LEU A 58 3.53 -10.61 5.50
CA LEU A 58 2.49 -10.60 6.53
C LEU A 58 3.08 -10.98 7.89
N GLU A 59 3.91 -12.02 7.91
CA GLU A 59 4.53 -12.46 9.16
C GLU A 59 5.47 -11.40 9.71
N ARG A 60 6.33 -10.85 8.86
CA ARG A 60 7.24 -9.79 9.29
C ARG A 60 6.48 -8.58 9.82
N THR A 61 5.35 -8.25 9.17
CA THR A 61 4.59 -7.06 9.52
C THR A 61 3.87 -7.23 10.87
N LEU A 62 3.28 -8.40 11.06
CA LEU A 62 2.58 -8.67 12.31
C LEU A 62 3.57 -8.82 13.46
N GLU A 63 4.68 -9.50 13.21
CA GLU A 63 5.68 -9.74 14.27
C GLU A 63 6.38 -8.46 14.70
N ARG A 64 6.62 -7.56 13.75
CA ARG A 64 7.23 -6.27 14.04
C ARG A 64 6.28 -5.44 14.89
N ALA A 65 4.99 -5.72 14.77
CA ALA A 65 3.99 -5.02 15.56
C ALA A 65 3.73 -5.77 16.86
N GLY A 66 4.43 -6.88 17.06
CA GLY A 66 4.37 -7.60 18.32
C GLY A 66 3.52 -8.86 18.34
N CYS A 67 2.91 -9.21 17.23
CA CYS A 67 1.99 -10.35 17.19
C CYS A 67 2.48 -11.50 16.32
N ALA A 68 2.26 -12.74 16.78
CA ALA A 68 2.59 -13.89 15.96
C ALA A 68 1.41 -14.28 15.06
N LEU A 69 1.69 -14.60 13.80
CA LEU A 69 0.62 -14.96 12.87
C LEU A 69 -0.13 -16.21 13.34
N ASP A 70 0.61 -17.16 13.88
CA ASP A 70 0.02 -18.41 14.38
C ASP A 70 -1.10 -18.18 15.40
N ASP A 71 -0.83 -17.34 16.40
CA ASP A 71 -1.84 -17.00 17.39
C ASP A 71 -3.08 -16.38 16.76
N ILE A 72 -2.86 -15.56 15.74
CA ILE A 72 -3.98 -14.96 15.01
C ILE A 72 -4.75 -16.01 14.20
N VAL A 73 -4.03 -16.88 13.48
CA VAL A 73 -4.66 -17.94 12.68
C VAL A 73 -5.49 -18.85 13.57
N ALA A 74 -5.05 -19.03 14.81
CA ALA A 74 -5.78 -19.86 15.77
C ALA A 74 -7.13 -19.25 16.13
N ASP A 75 -7.19 -17.92 16.11
CA ASP A 75 -8.43 -17.21 16.44
C ASP A 75 -9.35 -17.13 15.23
N LEU A 76 -8.76 -17.20 14.05
CA LEU A 76 -9.52 -17.12 12.80
C LEU A 76 -10.55 -18.24 12.78
N GLY A 77 -10.11 -19.43 13.15
CA GLY A 77 -10.98 -20.57 13.15
C GLY A 77 -11.46 -20.86 11.74
N LEU A 78 -10.52 -20.85 10.81
CA LEU A 78 -10.79 -21.40 9.50
C LEU A 78 -10.99 -22.89 9.74
N GLU A 79 -11.86 -23.52 8.96
CA GLU A 79 -11.80 -24.96 8.81
C GLU A 79 -10.90 -25.14 7.58
N GLU A 80 -9.66 -25.65 7.70
CA GLU A 80 -9.13 -26.62 8.69
C GLU A 80 -9.75 -28.00 8.43
N LEU A 81 -10.47 -28.05 7.32
CA LEU A 81 -10.91 -29.26 6.67
C LEU A 81 -10.65 -29.01 5.17
N LEU A 82 -10.18 -30.00 4.41
CA LEU A 82 -9.91 -31.35 4.89
C LEU A 82 -8.93 -32.01 3.93
N GLY A 83 -9.06 -31.67 2.65
CA GLY A 83 -8.30 -32.31 1.59
C GLY A 83 -6.96 -31.66 1.26
N SER A 84 -6.32 -31.06 2.26
CA SER A 84 -4.98 -30.50 2.07
C SER A 84 -4.17 -30.49 3.37
N ILE A 85 -2.85 -30.58 3.24
CA ILE A 85 -1.94 -30.44 4.38
C ILE A 85 -1.34 -29.04 4.46
N GLY A 86 -1.61 -28.35 5.56
CA GLY A 86 -1.19 -26.96 5.73
C GLY A 86 -2.40 -26.07 5.55
N VAL A 87 -2.28 -24.80 5.92
CA VAL A 87 -3.34 -23.84 5.71
C VAL A 87 -2.92 -22.93 4.56
N SER A 88 -3.78 -22.78 3.56
CA SER A 88 -3.45 -21.99 2.38
C SER A 88 -3.34 -20.51 2.75
N THR A 89 -2.40 -19.82 2.12
CA THR A 89 -2.22 -18.41 2.41
C THR A 89 -3.49 -17.66 2.04
N GLY A 90 -4.13 -18.09 0.95
CA GLY A 90 -5.40 -17.53 0.52
C GLY A 90 -6.44 -17.52 1.62
N ASP A 91 -6.55 -18.63 2.34
CA ASP A 91 -7.54 -18.73 3.41
C ASP A 91 -7.20 -17.81 4.58
N ILE A 92 -5.92 -17.74 4.93
CA ILE A 92 -5.48 -16.83 5.99
C ILE A 92 -5.82 -15.38 5.64
N ILE A 93 -5.50 -14.99 4.41
CA ILE A 93 -5.78 -13.63 3.96
C ILE A 93 -7.27 -13.33 4.06
N GLN A 94 -8.08 -14.23 3.50
CA GLN A 94 -9.53 -14.11 3.57
C GLN A 94 -10.02 -14.03 5.02
N GLY A 95 -9.48 -14.87 5.89
CA GLY A 95 -9.88 -14.88 7.29
C GLY A 95 -9.44 -13.67 8.09
N LEU A 96 -8.26 -13.15 7.79
CA LEU A 96 -7.75 -11.94 8.43
C LEU A 96 -8.63 -10.74 8.06
N TYR A 97 -9.03 -10.67 6.80
CA TYR A 97 -9.91 -9.60 6.33
C TYR A 97 -11.27 -9.69 7.07
N LYS A 98 -11.81 -10.90 7.14
CA LYS A 98 -13.03 -11.15 7.93
C LYS A 98 -12.87 -10.68 9.38
N LEU A 99 -11.77 -11.08 10.01
CA LEU A 99 -11.46 -10.67 11.39
C LEU A 99 -11.34 -9.15 11.55
N LEU A 100 -10.63 -8.51 10.63
CA LEU A 100 -10.49 -7.06 10.69
C LEU A 100 -11.83 -6.34 10.71
N LYS A 101 -12.75 -6.77 9.84
CA LYS A 101 -14.08 -6.19 9.79
C LYS A 101 -14.80 -6.41 11.11
N GLU A 102 -14.64 -7.60 11.68
CA GLU A 102 -15.22 -7.92 12.97
C GLU A 102 -14.69 -7.00 14.07
N LEU A 103 -13.44 -6.54 13.90
CA LEU A 103 -12.84 -5.58 14.83
C LEU A 103 -13.22 -4.15 14.50
N LYS A 104 -14.10 -4.00 13.53
CA LYS A 104 -14.68 -2.70 13.20
C LYS A 104 -13.63 -1.70 12.73
N ILE A 105 -12.67 -2.16 11.93
CA ILE A 105 -11.69 -1.27 11.34
C ILE A 105 -12.38 -0.22 10.48
N ASP A 106 -11.70 0.90 10.27
CA ASP A 106 -12.19 1.98 9.41
C ASP A 106 -12.14 1.51 7.98
N GLU A 107 -13.29 1.20 7.38
CA GLU A 107 -13.28 0.69 6.01
C GLU A 107 -13.07 1.77 4.94
N THR A 108 -13.29 3.03 5.31
CA THR A 108 -12.99 4.13 4.40
C THR A 108 -11.49 4.11 4.15
N VAL A 109 -10.73 3.96 5.24
CA VAL A 109 -9.29 3.88 5.14
C VAL A 109 -8.87 2.61 4.41
N PHE A 110 -9.40 1.47 4.83
CA PHE A 110 -9.06 0.20 4.17
C PHE A 110 -9.31 0.25 2.67
N ASN A 111 -10.47 0.75 2.27
CA ASN A 111 -10.83 0.73 0.85
C ASN A 111 -9.97 1.68 0.01
N ALA A 112 -9.55 2.79 0.61
CA ALA A 112 -8.68 3.73 -0.07
C ALA A 112 -7.30 3.09 -0.27
N VAL A 113 -6.81 2.42 0.77
CA VAL A 113 -5.54 1.73 0.62
C VAL A 113 -5.66 0.65 -0.45
N CYS A 114 -6.78 -0.06 -0.48
N CYS A 114 -6.78 -0.06 -0.45
CA CYS A 114 -6.95 -1.13 -1.46
CA CYS A 114 -7.07 -1.11 -1.42
C CYS A 114 -6.97 -0.52 -2.86
C CYS A 114 -7.02 -0.54 -2.84
N ASP A 115 -7.65 0.62 -3.01
CA ASP A 115 -7.69 1.28 -4.31
C ASP A 115 -6.30 1.73 -4.79
N VAL A 116 -5.50 2.28 -3.88
CA VAL A 116 -4.12 2.65 -4.22
C VAL A 116 -3.31 1.41 -4.62
N THR A 117 -3.44 0.36 -3.82
CA THR A 117 -2.74 -0.87 -4.13
C THR A 117 -3.11 -1.43 -5.50
N LYS A 118 -4.39 -1.45 -5.82
CA LYS A 118 -4.84 -1.90 -7.13
C LYS A 118 -4.20 -1.08 -8.25
N LYS A 119 -4.20 0.23 -8.08
CA LYS A 119 -3.62 1.11 -9.08
C LYS A 119 -2.14 0.79 -9.25
N MET A 120 -1.45 0.57 -8.13
CA MET A 120 -0.02 0.30 -8.17
C MET A 120 0.27 -1.07 -8.81
N LEU A 121 -0.57 -2.07 -8.56
CA LEU A 121 -0.38 -3.36 -9.19
C LEU A 121 -0.47 -3.20 -10.72
N ASP A 122 -1.42 -2.39 -11.17
CA ASP A 122 -1.56 -2.08 -12.60
C ASP A 122 -0.30 -1.45 -13.20
N ASN A 123 0.45 -0.72 -12.38
CA ASN A 123 1.70 -0.09 -12.83
C ASN A 123 2.96 -0.96 -12.66
N LYS A 124 2.75 -2.25 -12.37
CA LYS A 124 3.82 -3.23 -12.22
C LYS A 124 4.67 -3.02 -10.98
N CYS A 125 4.04 -2.55 -9.91
CA CYS A 125 4.76 -2.28 -8.66
C CYS A 125 4.76 -3.42 -7.64
N LEU A 126 4.21 -4.59 -8.00
CA LEU A 126 4.24 -5.72 -7.06
C LEU A 126 5.61 -5.96 -6.40
N PRO A 127 6.71 -5.99 -7.19
CA PRO A 127 8.01 -6.25 -6.54
C PRO A 127 8.30 -5.33 -5.36
N LYS A 128 7.97 -4.05 -5.49
CA LYS A 128 8.23 -3.11 -4.42
C LYS A 128 7.17 -3.19 -3.32
N ILE A 129 5.96 -3.61 -3.68
CA ILE A 129 4.93 -3.87 -2.68
C ILE A 129 5.40 -5.01 -1.77
N LEU A 130 5.98 -6.05 -2.37
CA LEU A 130 6.46 -7.21 -1.60
C LEU A 130 7.57 -6.85 -0.62
N GLN A 131 8.26 -5.73 -0.87
CA GLN A 131 9.29 -5.26 0.05
C GLN A 131 8.71 -4.50 1.23
N GLY A 132 7.45 -4.10 1.10
CA GLY A 132 6.79 -3.34 2.15
C GLY A 132 6.84 -1.85 1.85
N ASP A 133 7.32 -1.49 0.66
CA ASP A 133 7.61 -0.09 0.32
C ASP A 133 6.38 0.82 0.16
N LEU A 134 5.20 0.25 -0.01
CA LEU A 134 4.04 1.07 -0.37
C LEU A 134 3.62 2.06 0.71
N VAL A 135 3.68 1.66 1.97
CA VAL A 135 3.29 2.59 3.04
C VAL A 135 4.21 3.82 3.10
N LYS A 136 5.50 3.64 2.85
N LYS A 136 5.49 3.62 2.85
CA LYS A 136 6.41 4.79 2.84
CA LYS A 136 6.46 4.73 2.81
C LYS A 136 6.02 5.74 1.71
C LYS A 136 6.09 5.72 1.70
N PHE A 137 5.72 5.18 0.56
CA PHE A 137 5.29 6.00 -0.59
C PHE A 137 4.00 6.77 -0.25
N LEU A 138 3.04 6.11 0.38
CA LEU A 138 1.81 6.80 0.79
C LEU A 138 2.11 7.95 1.73
N LYS A 139 2.99 7.71 2.70
CA LYS A 139 3.38 8.77 3.61
C LYS A 139 4.08 9.91 2.89
N ASP A 140 4.99 9.58 1.98
CA ASP A 140 5.69 10.60 1.19
C ASP A 140 4.69 11.48 0.44
N LEU A 141 3.67 10.86 -0.14
CA LEU A 141 2.67 11.62 -0.88
C LEU A 141 1.87 12.52 0.06
N LYS A 142 1.41 11.93 1.17
CA LYS A 142 0.63 12.68 2.14
C LYS A 142 1.37 13.90 2.67
N TYR A 143 2.64 13.74 3.01
CA TYR A 143 3.40 14.80 3.69
C TYR A 143 4.26 15.69 2.81
N LYS A 144 4.66 15.22 1.64
CA LYS A 144 5.62 15.96 0.82
C LYS A 144 5.09 16.41 -0.54
N VAL A 145 3.98 15.84 -0.98
CA VAL A 145 3.50 16.08 -2.35
C VAL A 145 2.07 16.66 -2.39
N CYS A 146 1.13 15.98 -1.76
CA CYS A 146 -0.29 16.33 -1.86
C CYS A 146 -0.70 17.30 -0.76
N ILE A 147 0.16 18.25 -0.43
CA ILE A 147 -0.10 19.12 0.72
C ILE A 147 -0.74 20.45 0.37
N GLU A 148 -1.61 20.90 1.25
CA GLU A 148 -2.22 22.22 1.16
C GLU A 148 -1.16 23.29 1.28
N GLY A 149 -1.22 24.30 0.41
CA GLY A 149 -0.28 25.40 0.45
C GLY A 149 1.16 24.94 0.39
N GLY A 150 1.39 23.82 -0.27
CA GLY A 150 2.74 23.31 -0.45
C GLY A 150 3.44 24.14 -1.49
N ASP A 151 4.75 24.29 -1.34
CA ASP A 151 5.55 25.09 -2.26
C ASP A 151 6.03 24.23 -3.42
N PRO A 152 5.51 24.52 -4.63
CA PRO A 152 5.79 23.78 -5.87
C PRO A 152 7.29 23.60 -6.14
N GLU A 153 8.08 24.63 -5.85
CA GLU A 153 9.52 24.54 -6.06
C GLU A 153 10.13 23.50 -5.14
N LEU A 154 9.65 23.43 -3.91
CA LEU A 154 10.08 22.39 -2.96
C LEU A 154 9.53 21.02 -3.32
N ILE A 155 8.26 20.97 -3.74
CA ILE A 155 7.65 19.67 -4.08
C ILE A 155 8.32 19.05 -5.29
N ILE A 156 8.65 19.88 -6.28
CA ILE A 156 9.30 19.39 -7.47
C ILE A 156 10.66 18.77 -7.14
N LYS A 157 11.35 19.27 -6.10
CA LYS A 157 12.61 18.67 -5.70
C LYS A 157 12.38 17.36 -4.95
N ASP A 158 11.41 17.39 -4.02
CA ASP A 158 11.11 16.23 -3.18
C ASP A 158 10.54 15.06 -3.97
N LEU A 159 9.80 15.37 -5.02
CA LEU A 159 9.13 14.34 -5.80
C LEU A 159 10.17 13.46 -6.48
N LYS A 160 11.35 14.00 -6.73
CA LYS A 160 12.38 13.27 -7.46
C LYS A 160 12.91 12.03 -6.74
N ILE A 161 13.25 12.16 -5.46
CA ILE A 161 13.74 10.98 -4.77
C ILE A 161 12.58 10.05 -4.45
N ILE A 162 11.39 10.60 -4.24
CA ILE A 162 10.21 9.79 -3.98
C ILE A 162 9.95 8.85 -5.17
N LEU A 163 9.98 9.40 -6.38
CA LEU A 163 9.76 8.58 -7.58
C LEU A 163 10.92 7.64 -7.88
N GLU A 164 12.14 8.06 -7.57
CA GLU A 164 13.29 7.19 -7.74
C GLU A 164 13.16 5.90 -6.93
N ARG A 165 12.56 5.98 -5.74
CA ARG A 165 12.42 4.80 -4.88
C ARG A 165 11.33 3.86 -5.37
N LEU A 166 10.46 4.38 -6.23
CA LEU A 166 9.35 3.59 -6.74
C LEU A 166 9.15 3.82 -8.22
N PRO A 167 10.16 3.46 -9.05
CA PRO A 167 10.18 3.78 -10.49
C PRO A 167 9.09 3.13 -11.35
N CYS A 168 8.46 2.06 -10.87
CA CYS A 168 7.37 1.43 -11.62
C CYS A 168 6.25 2.41 -11.97
N VAL A 169 6.10 3.43 -11.14
CA VAL A 169 4.98 4.35 -11.28
C VAL A 169 5.18 5.32 -12.46
N LEU A 170 6.43 5.41 -12.91
CA LEU A 170 6.77 6.25 -14.06
C LEU A 170 6.33 5.65 -15.38
N GLY A 171 5.85 4.42 -15.33
CA GLY A 171 5.35 3.73 -16.51
C GLY A 171 6.33 3.65 -17.67
N GLY A 172 7.61 3.52 -17.37
CA GLY A 172 8.62 3.33 -18.40
C GLY A 172 9.33 4.57 -18.88
N VAL A 173 8.89 5.74 -18.40
CA VAL A 173 9.55 6.98 -18.72
C VAL A 173 10.67 7.19 -17.74
N GLY A 174 11.85 7.56 -18.25
CA GLY A 174 13.01 7.78 -17.42
C GLY A 174 12.83 8.94 -16.46
N LEU A 175 13.43 8.81 -15.28
CA LEU A 175 13.28 9.80 -14.23
C LEU A 175 13.70 11.20 -14.65
N ASP A 176 14.92 11.32 -15.15
CA ASP A 176 15.44 12.62 -15.57
C ASP A 176 14.61 13.23 -16.71
N ASP A 177 14.22 12.39 -17.66
CA ASP A 177 13.34 12.80 -18.75
C ASP A 177 12.02 13.36 -18.24
N LEU A 178 11.42 12.67 -17.27
CA LEU A 178 10.21 13.16 -16.65
C LEU A 178 10.36 14.59 -16.12
N PHE A 179 11.43 14.83 -15.37
CA PHE A 179 11.61 16.12 -14.70
C PHE A 179 12.06 17.24 -15.65
N LYS A 180 12.52 16.87 -16.83
CA LYS A 180 12.71 17.85 -17.90
C LYS A 180 11.38 18.41 -18.38
N ASN A 181 10.29 17.77 -17.95
CA ASN A 181 8.95 18.10 -18.43
C ASN A 181 7.99 18.48 -17.32
N ILE A 182 8.52 18.77 -16.14
CA ILE A 182 7.71 19.26 -15.04
C ILE A 182 8.18 20.66 -14.68
N PHE A 183 7.23 21.59 -14.64
CA PHE A 183 7.54 23.00 -14.49
C PHE A 183 6.71 23.66 -13.39
N VAL A 184 7.17 24.80 -12.91
CA VAL A 184 6.32 25.67 -12.12
C VAL A 184 5.78 26.70 -13.10
N LYS A 185 4.45 26.82 -13.17
CA LYS A 185 3.80 27.76 -14.06
CA LYS A 185 3.81 27.76 -14.06
C LYS A 185 2.70 28.49 -13.32
N ASP A 186 2.78 29.82 -13.28
CA ASP A 186 1.76 30.60 -12.58
C ASP A 186 1.53 30.05 -11.16
N GLY A 187 2.62 29.69 -10.49
CA GLY A 187 2.59 29.32 -9.09
C GLY A 187 2.19 27.89 -8.78
N ILE A 188 1.85 27.12 -9.80
CA ILE A 188 1.45 25.72 -9.59
C ILE A 188 2.33 24.76 -10.38
N LEU A 189 2.31 23.49 -9.98
CA LEU A 189 3.04 22.47 -10.71
C LEU A 189 2.36 22.19 -12.04
N SER A 190 3.18 21.98 -13.07
CA SER A 190 2.66 21.74 -14.40
C SER A 190 3.35 20.54 -15.02
N PHE A 191 2.61 19.45 -15.22
CA PHE A 191 3.19 18.24 -15.79
C PHE A 191 2.85 18.20 -17.26
N GLU A 192 3.88 18.34 -18.11
CA GLU A 192 3.65 18.57 -19.53
C GLU A 192 4.25 17.45 -20.35
N GLY A 193 3.77 17.29 -21.59
CA GLY A 193 4.30 16.30 -22.51
C GLY A 193 4.31 14.89 -21.95
N ILE A 194 5.47 14.27 -21.97
CA ILE A 194 5.59 12.89 -21.54
C ILE A 194 5.37 12.73 -20.04
N ALA A 195 5.34 13.84 -19.31
CA ALA A 195 5.10 13.78 -17.86
C ALA A 195 3.63 13.91 -17.51
N LYS A 196 2.78 14.13 -18.51
CA LYS A 196 1.38 14.40 -18.20
C LYS A 196 0.64 13.21 -17.55
N PRO A 197 0.89 11.97 -18.03
CA PRO A 197 0.21 10.85 -17.35
C PRO A 197 0.61 10.71 -15.87
N LEU A 198 1.87 10.92 -15.54
CA LEU A 198 2.29 10.87 -14.13
C LEU A 198 1.58 11.96 -13.33
N GLY A 199 1.49 13.16 -13.93
CA GLY A 199 0.82 14.27 -13.27
C GLY A 199 -0.63 13.96 -12.94
N ASP A 200 -1.34 13.39 -13.90
CA ASP A 200 -2.72 13.01 -13.66
C ASP A 200 -2.81 11.90 -12.62
N LEU A 201 -1.94 10.90 -12.73
CA LEU A 201 -1.95 9.80 -11.75
C LEU A 201 -1.81 10.37 -10.33
N LEU A 202 -0.85 11.28 -10.14
CA LEU A 202 -0.64 11.89 -8.82
C LEU A 202 -1.79 12.78 -8.35
N ILE A 203 -2.12 13.77 -9.16
CA ILE A 203 -3.07 14.79 -8.76
C ILE A 203 -4.52 14.30 -8.71
N LEU A 204 -4.92 13.53 -9.72
CA LEU A 204 -6.32 13.11 -9.86
C LEU A 204 -6.65 11.75 -9.26
N VAL A 205 -5.67 10.88 -9.16
CA VAL A 205 -5.94 9.54 -8.65
C VAL A 205 -5.36 9.38 -7.24
N LEU A 206 -4.05 9.53 -7.11
CA LEU A 206 -3.42 9.17 -5.83
C LEU A 206 -3.63 10.19 -4.71
N CYS A 207 -3.50 11.48 -5.02
CA CYS A 207 -3.69 12.50 -3.99
C CYS A 207 -5.06 12.42 -3.30
N PRO A 208 -6.16 12.27 -4.07
CA PRO A 208 -7.46 12.08 -3.42
C PRO A 208 -7.52 10.84 -2.52
N ASN A 209 -6.90 9.74 -2.94
CA ASN A 209 -6.88 8.53 -2.12
C ASN A 209 -6.08 8.71 -0.84
N VAL A 210 -4.90 9.33 -0.94
CA VAL A 210 -4.06 9.50 0.25
C VAL A 210 -4.73 10.47 1.23
N LYS A 211 -5.58 11.36 0.72
CA LYS A 211 -6.37 12.22 1.60
C LYS A 211 -7.34 11.39 2.47
N ASN A 212 -7.85 10.28 1.91
CA ASN A 212 -8.72 9.34 2.62
C ASN A 212 -7.99 8.44 3.62
N ILE A 213 -6.67 8.30 3.47
CA ILE A 213 -5.86 7.40 4.30
C ILE A 213 -5.26 8.12 5.51
N ASN A 214 -5.14 7.41 6.63
CA ASN A 214 -4.54 7.94 7.87
C ASN A 214 -3.24 7.25 8.25
N VAL A 215 -2.14 8.00 8.22
CA VAL A 215 -0.79 7.48 8.40
C VAL A 215 0.12 8.51 9.04
#